data_3CO4
#
_entry.id   3CO4
#
_cell.length_a   60.884
_cell.length_b   70.389
_cell.length_c   79.259
_cell.angle_alpha   90.00
_cell.angle_beta   90.00
_cell.angle_gamma   90.00
#
_symmetry.space_group_name_H-M   'P 21 21 21'
#
loop_
_entity.id
_entity.type
_entity.pdbx_description
1 polymer Chitinase
2 non-polymer 2-amino-2-deoxy-beta-D-glucopyranose
3 water water
#
_entity_poly.entity_id   1
_entity_poly.type   'polypeptide(L)'
_entity_poly.pdbx_seq_one_letter_code
;(MSE)SLKVVIGYLALDDWEFESLFPTIEWKYLTHINASFARVKADGTLNINPVRKRIESVRETAHKHNVKILISLAKNS
PGEFTTAINDPKARKELIQQIIAFTKEYKLDGFDIDYEEYDNWDKNFPSLLVFARGLYLAKEKN(MSE)L(MSE)TCAVN
SRWLNYGTEWEQYFDYINL(MSE)SYDRGAFTDKPVQHASYDDFVKDLKYWNEQCRASKSKIVGGLPFYGYSWEESLQGA
VDDVRGIRYSGILKHLGNEAADKDNIGKTYYNGRPTIANKCKFIKENDYAGV(MSE)IWQLFQDAHNDNYDLKLINVVGR
E(MSE)(MSE)EEGHHHHHH
;
_entity_poly.pdbx_strand_id   A
#
loop_
_chem_comp.id
_chem_comp.type
_chem_comp.name
_chem_comp.formula
GCS D-saccharide, beta linking 2-amino-2-deoxy-beta-D-glucopyranose 'C6 H13 N O5'
#
# COMPACT_ATOMS: atom_id res chain seq x y z
N SER A 2 4.83 18.24 11.01
CA SER A 2 3.71 17.24 10.93
C SER A 2 4.27 15.85 11.25
N LEU A 3 3.42 14.98 11.78
CA LEU A 3 3.84 13.62 12.14
C LEU A 3 4.04 12.71 10.93
N LYS A 4 5.15 11.98 10.91
CA LYS A 4 5.46 11.08 9.81
C LYS A 4 4.72 9.76 10.03
N VAL A 5 4.40 9.07 8.94
CA VAL A 5 3.70 7.80 9.06
C VAL A 5 4.39 6.72 8.22
N VAL A 6 4.11 5.48 8.56
CA VAL A 6 4.60 4.32 7.85
C VAL A 6 3.37 3.42 7.77
N ILE A 7 2.77 3.37 6.60
CA ILE A 7 1.56 2.60 6.37
C ILE A 7 1.89 1.30 5.65
N GLY A 8 1.76 0.19 6.36
CA GLY A 8 2.09 -1.09 5.75
C GLY A 8 0.91 -1.94 5.35
N TYR A 9 0.90 -2.37 4.09
CA TYR A 9 -0.18 -3.23 3.61
C TYR A 9 0.12 -4.63 4.12
N LEU A 10 -0.93 -5.34 4.48
CA LEU A 10 -0.80 -6.70 4.99
C LEU A 10 -1.88 -7.58 4.35
N ALA A 11 -1.45 -8.56 3.56
CA ALA A 11 -2.39 -9.47 2.91
C ALA A 11 -2.80 -10.53 3.94
N LEU A 12 -4.03 -10.46 4.42
CA LEU A 12 -4.51 -11.39 5.43
C LEU A 12 -4.72 -12.83 4.98
N ASP A 13 -4.63 -13.09 3.69
CA ASP A 13 -4.80 -14.44 3.17
C ASP A 13 -3.49 -14.91 2.54
N ASP A 14 -2.42 -14.24 2.92
CA ASP A 14 -1.08 -14.53 2.42
C ASP A 14 -0.70 -15.96 2.83
N TRP A 15 -0.07 -16.69 1.92
CA TRP A 15 0.34 -18.06 2.20
C TRP A 15 1.26 -18.15 3.42
N GLU A 16 2.09 -17.12 3.61
CA GLU A 16 3.05 -17.10 4.71
C GLU A 16 2.53 -16.44 5.98
N PHE A 17 1.23 -16.19 6.06
CA PHE A 17 0.64 -15.53 7.23
C PHE A 17 1.01 -16.12 8.60
N GLU A 18 0.63 -17.38 8.81
CA GLU A 18 0.89 -18.06 10.07
C GLU A 18 2.33 -17.91 10.53
N SER A 19 3.25 -18.16 9.62
CA SER A 19 4.67 -18.09 9.90
C SER A 19 5.21 -16.67 10.13
N LEU A 20 4.79 -15.73 9.30
CA LEU A 20 5.32 -14.36 9.40
C LEU A 20 4.60 -13.34 10.28
N PHE A 21 3.30 -13.53 10.52
CA PHE A 21 2.56 -12.56 11.32
C PHE A 21 3.19 -12.27 12.69
N PRO A 22 3.71 -13.31 13.38
CA PRO A 22 4.32 -13.07 14.69
C PRO A 22 5.64 -12.30 14.61
N THR A 23 6.07 -11.98 13.39
CA THR A 23 7.33 -11.25 13.21
C THR A 23 7.16 -9.80 12.78
N ILE A 24 5.92 -9.35 12.58
CA ILE A 24 5.70 -7.97 12.16
C ILE A 24 6.41 -7.00 13.12
N GLU A 25 7.21 -6.09 12.56
CA GLU A 25 7.92 -5.12 13.40
C GLU A 25 7.01 -3.92 13.65
N TRP A 26 6.10 -4.09 14.61
CA TRP A 26 5.13 -3.06 14.92
C TRP A 26 5.66 -1.71 15.34
N LYS A 27 6.86 -1.68 15.91
CA LYS A 27 7.44 -0.40 16.34
C LYS A 27 7.75 0.50 15.16
N TYR A 28 7.85 -0.08 13.97
CA TYR A 28 8.16 0.71 12.77
C TYR A 28 6.92 0.98 11.92
N LEU A 29 5.75 0.77 12.49
CA LEU A 29 4.50 0.98 11.77
C LEU A 29 3.56 1.90 12.56
N THR A 30 2.86 2.78 11.86
CA THR A 30 1.90 3.66 12.51
C THR A 30 0.49 3.23 12.07
N HIS A 31 0.42 2.68 10.86
CA HIS A 31 -0.84 2.18 10.30
C HIS A 31 -0.58 0.92 9.47
N ILE A 32 -1.58 0.06 9.38
CA ILE A 32 -1.49 -1.12 8.53
C ILE A 32 -2.83 -1.22 7.81
N ASN A 33 -2.77 -1.56 6.53
CA ASN A 33 -3.97 -1.71 5.71
C ASN A 33 -4.24 -3.20 5.54
N ALA A 34 -5.28 -3.71 6.23
CA ALA A 34 -5.63 -5.11 6.11
C ALA A 34 -6.07 -5.27 4.66
N SER A 35 -5.36 -6.13 3.94
CA SER A 35 -5.61 -6.32 2.53
C SER A 35 -6.81 -7.02 1.94
N PHE A 36 -7.65 -6.15 1.39
CA PHE A 36 -8.85 -6.43 0.64
C PHE A 36 -10.06 -7.25 1.00
N ALA A 37 -11.13 -6.48 1.10
CA ALA A 37 -12.48 -6.97 1.27
C ALA A 37 -12.72 -6.62 -0.20
N ARG A 38 -13.20 -7.57 -0.99
CA ARG A 38 -13.39 -7.32 -2.42
C ARG A 38 -14.77 -6.77 -2.77
N VAL A 39 -14.80 -5.74 -3.59
CA VAL A 39 -16.05 -5.11 -4.01
C VAL A 39 -16.73 -5.92 -5.11
N LYS A 40 -18.00 -6.25 -4.89
CA LYS A 40 -18.77 -7.00 -5.88
C LYS A 40 -19.67 -6.06 -6.67
N ALA A 41 -20.06 -6.50 -7.87
CA ALA A 41 -20.90 -5.71 -8.75
C ALA A 41 -22.18 -5.18 -8.11
N ASP A 42 -22.73 -5.91 -7.14
CA ASP A 42 -23.98 -5.48 -6.49
C ASP A 42 -23.76 -4.59 -5.27
N GLY A 43 -22.52 -4.19 -5.02
CA GLY A 43 -22.25 -3.33 -3.89
C GLY A 43 -21.95 -4.07 -2.60
N THR A 44 -22.07 -5.39 -2.62
CA THR A 44 -21.79 -6.19 -1.43
C THR A 44 -20.30 -6.53 -1.45
N LEU A 45 -19.79 -6.97 -0.31
CA LEU A 45 -18.38 -7.28 -0.16
C LEU A 45 -18.03 -8.74 0.00
N ASN A 46 -16.99 -9.16 -0.73
CA ASN A 46 -16.48 -10.51 -0.61
C ASN A 46 -15.38 -10.32 0.43
N ILE A 47 -15.65 -10.72 1.67
CA ILE A 47 -14.67 -10.54 2.74
C ILE A 47 -13.93 -11.83 3.08
N ASN A 48 -13.97 -12.80 2.17
CA ASN A 48 -13.31 -14.08 2.38
C ASN A 48 -11.81 -13.99 2.60
N PRO A 49 -11.13 -13.06 1.91
CA PRO A 49 -9.68 -13.00 2.15
C PRO A 49 -9.28 -12.42 3.52
N VAL A 50 -10.22 -11.78 4.21
CA VAL A 50 -9.89 -11.18 5.51
C VAL A 50 -10.73 -11.63 6.70
N ARG A 51 -11.93 -12.15 6.44
CA ARG A 51 -12.85 -12.56 7.51
C ARG A 51 -12.27 -13.39 8.66
N LYS A 52 -11.43 -14.37 8.35
CA LYS A 52 -10.88 -15.21 9.41
C LYS A 52 -9.80 -14.61 10.29
N ARG A 53 -9.12 -13.57 9.82
CA ARG A 53 -8.04 -12.98 10.61
C ARG A 53 -8.16 -11.50 10.97
N ILE A 54 -9.13 -10.81 10.37
CA ILE A 54 -9.30 -9.39 10.64
C ILE A 54 -9.40 -9.03 12.12
N GLU A 55 -10.19 -9.78 12.88
CA GLU A 55 -10.33 -9.50 14.31
C GLU A 55 -9.02 -9.68 15.08
N SER A 56 -8.32 -10.77 14.80
CA SER A 56 -7.06 -11.05 15.47
C SER A 56 -5.98 -10.04 15.10
N VAL A 57 -5.96 -9.65 13.83
CA VAL A 57 -4.98 -8.68 13.35
C VAL A 57 -5.24 -7.35 14.04
N ARG A 58 -6.52 -6.97 14.14
CA ARG A 58 -6.86 -5.73 14.80
C ARG A 58 -6.45 -5.70 16.26
N GLU A 59 -6.69 -6.79 16.98
CA GLU A 59 -6.32 -6.84 18.40
C GLU A 59 -4.83 -6.61 18.57
N THR A 60 -4.04 -7.30 17.74
CA THR A 60 -2.58 -7.17 17.80
C THR A 60 -2.12 -5.77 17.40
N ALA A 61 -2.65 -5.27 16.28
CA ALA A 61 -2.29 -3.93 15.83
C ALA A 61 -2.56 -2.93 16.94
N HIS A 62 -3.77 -2.94 17.48
CA HIS A 62 -4.13 -2.02 18.54
C HIS A 62 -3.30 -2.18 19.80
N LYS A 63 -2.86 -3.40 20.08
CA LYS A 63 -2.05 -3.63 21.27
C LYS A 63 -0.70 -2.91 21.13
N HIS A 64 -0.27 -2.71 19.88
CA HIS A 64 0.99 -2.03 19.63
C HIS A 64 0.74 -0.60 19.16
N ASN A 65 -0.45 -0.08 19.48
CA ASN A 65 -0.82 1.28 19.11
C ASN A 65 -0.67 1.56 17.61
N VAL A 66 -1.05 0.59 16.79
CA VAL A 66 -0.98 0.75 15.34
C VAL A 66 -2.43 0.83 14.84
N LYS A 67 -2.71 1.79 13.97
CA LYS A 67 -4.07 1.92 13.44
C LYS A 67 -4.29 0.89 12.35
N ILE A 68 -5.50 0.35 12.26
CA ILE A 68 -5.78 -0.64 11.23
C ILE A 68 -6.98 -0.22 10.37
N LEU A 69 -6.77 -0.26 9.05
CA LEU A 69 -7.81 0.10 8.10
C LEU A 69 -8.07 -1.08 7.18
N ILE A 70 -9.31 -1.20 6.72
CA ILE A 70 -9.64 -2.27 5.79
C ILE A 70 -9.47 -1.70 4.38
N SER A 71 -8.65 -2.35 3.56
CA SER A 71 -8.44 -1.87 2.20
C SER A 71 -9.42 -2.58 1.26
N LEU A 72 -9.98 -1.81 0.31
CA LEU A 72 -10.96 -2.34 -0.63
C LEU A 72 -10.50 -2.25 -2.08
N ALA A 73 -10.74 -3.32 -2.81
CA ALA A 73 -10.37 -3.38 -4.22
C ALA A 73 -11.42 -4.22 -4.95
N LYS A 74 -11.43 -4.12 -6.27
CA LYS A 74 -12.40 -4.86 -7.09
C LYS A 74 -12.34 -6.37 -6.88
N ASN A 75 -13.50 -7.01 -6.81
CA ASN A 75 -13.58 -8.46 -6.65
C ASN A 75 -12.98 -9.06 -7.92
N SER A 76 -13.35 -8.47 -9.06
CA SER A 76 -12.84 -8.90 -10.37
C SER A 76 -12.98 -7.69 -11.28
N PRO A 77 -12.35 -7.72 -12.46
CA PRO A 77 -12.41 -6.59 -13.41
C PRO A 77 -13.83 -6.11 -13.70
N GLY A 78 -14.04 -4.80 -13.61
CA GLY A 78 -15.34 -4.22 -13.89
C GLY A 78 -16.33 -4.22 -12.74
N GLU A 79 -16.13 -5.07 -11.74
CA GLU A 79 -17.07 -5.12 -10.63
C GLU A 79 -17.13 -3.87 -9.76
N PHE A 80 -15.98 -3.24 -9.49
CA PHE A 80 -15.97 -2.03 -8.67
C PHE A 80 -16.68 -0.91 -9.46
N THR A 81 -16.40 -0.82 -10.76
CA THR A 81 -17.03 0.19 -11.60
C THR A 81 -18.54 0.01 -11.64
N THR A 82 -18.97 -1.23 -11.90
CA THR A 82 -20.40 -1.53 -11.94
C THR A 82 -21.06 -1.08 -10.65
N ALA A 83 -20.44 -1.40 -9.52
CA ALA A 83 -20.99 -1.03 -8.22
C ALA A 83 -21.22 0.47 -8.05
N ILE A 84 -20.21 1.28 -8.37
CA ILE A 84 -20.33 2.72 -8.20
C ILE A 84 -21.20 3.39 -9.26
N ASN A 85 -21.37 2.74 -10.40
CA ASN A 85 -22.19 3.29 -11.47
C ASN A 85 -23.67 3.01 -11.29
N ASP A 86 -24.01 2.17 -10.32
CA ASP A 86 -25.40 1.85 -10.03
C ASP A 86 -25.75 2.48 -8.69
N PRO A 87 -26.72 3.41 -8.68
CA PRO A 87 -27.17 4.12 -7.47
C PRO A 87 -27.42 3.27 -6.22
N LYS A 88 -28.19 2.19 -6.35
CA LYS A 88 -28.47 1.35 -5.20
C LYS A 88 -27.25 0.54 -4.77
N ALA A 89 -26.49 0.03 -5.74
CA ALA A 89 -25.30 -0.76 -5.44
C ALA A 89 -24.24 0.14 -4.80
N ARG A 90 -24.24 1.41 -5.18
CA ARG A 90 -23.29 2.37 -4.63
C ARG A 90 -23.61 2.65 -3.17
N LYS A 91 -24.89 2.85 -2.87
CA LYS A 91 -25.32 3.13 -1.51
C LYS A 91 -25.10 1.92 -0.62
N GLU A 92 -25.29 0.74 -1.20
CA GLU A 92 -25.10 -0.51 -0.49
C GLU A 92 -23.61 -0.65 -0.15
N LEU A 93 -22.76 -0.36 -1.14
CA LEU A 93 -21.32 -0.45 -0.94
C LEU A 93 -20.85 0.48 0.17
N ILE A 94 -21.33 1.72 0.15
CA ILE A 94 -20.95 2.69 1.16
C ILE A 94 -21.37 2.21 2.55
N GLN A 95 -22.57 1.64 2.64
CA GLN A 95 -23.05 1.16 3.94
C GLN A 95 -22.24 -0.04 4.39
N GLN A 96 -21.87 -0.92 3.47
CA GLN A 96 -21.08 -2.10 3.81
C GLN A 96 -19.70 -1.73 4.35
N ILE A 97 -19.04 -0.78 3.71
CA ILE A 97 -17.72 -0.34 4.15
C ILE A 97 -17.76 0.24 5.56
N ILE A 98 -18.67 1.18 5.79
CA ILE A 98 -18.80 1.80 7.11
C ILE A 98 -19.16 0.74 8.15
N ALA A 99 -20.06 -0.18 7.76
CA ALA A 99 -20.50 -1.24 8.67
C ALA A 99 -19.38 -2.23 9.00
N PHE A 100 -18.60 -2.62 7.98
CA PHE A 100 -17.50 -3.56 8.21
C PHE A 100 -16.50 -2.92 9.16
N THR A 101 -16.21 -1.64 8.91
CA THR A 101 -15.26 -0.90 9.73
C THR A 101 -15.72 -0.83 11.19
N LYS A 102 -17.00 -0.56 11.41
CA LYS A 102 -17.55 -0.49 12.76
C LYS A 102 -17.60 -1.86 13.41
N GLU A 103 -18.12 -2.84 12.67
CA GLU A 103 -18.24 -4.20 13.18
C GLU A 103 -16.93 -4.78 13.71
N TYR A 104 -15.86 -4.62 12.96
CA TYR A 104 -14.57 -5.15 13.40
C TYR A 104 -13.71 -4.15 14.15
N LYS A 105 -14.32 -3.02 14.52
CA LYS A 105 -13.65 -1.97 15.28
C LYS A 105 -12.35 -1.46 14.69
N LEU A 106 -12.35 -1.24 13.37
CA LEU A 106 -11.17 -0.74 12.68
C LEU A 106 -11.09 0.78 12.79
N ASP A 107 -9.95 1.35 12.45
CA ASP A 107 -9.77 2.79 12.54
C ASP A 107 -10.14 3.56 11.28
N GLY A 108 -10.41 2.82 10.20
CA GLY A 108 -10.78 3.47 8.95
C GLY A 108 -10.77 2.51 7.78
N PHE A 109 -10.82 3.06 6.58
CA PHE A 109 -10.82 2.23 5.39
C PHE A 109 -9.97 2.86 4.29
N ASP A 110 -9.44 2.01 3.41
CA ASP A 110 -8.57 2.45 2.32
C ASP A 110 -9.21 2.05 0.99
N ILE A 111 -9.32 3.00 0.08
CA ILE A 111 -9.91 2.74 -1.24
C ILE A 111 -8.82 2.47 -2.28
N ASP A 112 -8.80 1.27 -2.80
CA ASP A 112 -7.81 0.89 -3.81
C ASP A 112 -8.55 0.57 -5.12
N TYR A 113 -9.11 1.62 -5.72
CA TYR A 113 -9.87 1.53 -6.97
C TYR A 113 -8.95 1.49 -8.18
N GLU A 114 -8.96 0.36 -8.89
CA GLU A 114 -8.10 0.20 -10.06
C GLU A 114 -8.83 -0.37 -11.28
N GLU A 115 -9.89 0.32 -11.70
CA GLU A 115 -10.68 -0.05 -12.86
C GLU A 115 -10.25 0.96 -13.92
N TYR A 116 -9.30 0.56 -14.75
CA TYR A 116 -8.76 1.47 -15.76
C TYR A 116 -9.51 1.59 -17.07
N ASP A 117 -10.57 0.80 -17.26
CA ASP A 117 -11.35 0.87 -18.47
C ASP A 117 -12.25 2.11 -18.36
N ASN A 118 -12.24 2.97 -19.37
CA ASN A 118 -13.04 4.20 -19.36
C ASN A 118 -12.86 4.99 -18.08
N TRP A 119 -11.60 5.22 -17.70
CA TRP A 119 -11.28 5.95 -16.48
C TRP A 119 -11.91 7.34 -16.40
N ASP A 120 -11.59 8.19 -17.36
CA ASP A 120 -12.13 9.55 -17.37
C ASP A 120 -13.66 9.56 -17.33
N LYS A 121 -14.29 8.78 -18.20
CA LYS A 121 -15.75 8.72 -18.25
C LYS A 121 -16.34 8.30 -16.90
N ASN A 122 -15.66 7.41 -16.19
CA ASN A 122 -16.15 6.92 -14.90
C ASN A 122 -15.77 7.73 -13.66
N PHE A 123 -14.84 8.69 -13.80
CA PHE A 123 -14.42 9.45 -12.63
C PHE A 123 -15.51 10.22 -11.91
N PRO A 124 -16.44 10.83 -12.65
CA PRO A 124 -17.47 11.55 -11.90
C PRO A 124 -18.21 10.62 -10.92
N SER A 125 -18.46 9.38 -11.34
CA SER A 125 -19.15 8.42 -10.48
C SER A 125 -18.26 7.99 -9.31
N LEU A 126 -16.95 7.96 -9.55
CA LEU A 126 -16.01 7.58 -8.49
C LEU A 126 -16.04 8.71 -7.45
N LEU A 127 -16.12 9.95 -7.93
CA LEU A 127 -16.19 11.10 -7.04
C LEU A 127 -17.47 11.05 -6.22
N VAL A 128 -18.57 10.73 -6.88
CA VAL A 128 -19.86 10.62 -6.20
C VAL A 128 -19.69 9.61 -5.06
N PHE A 129 -18.96 8.54 -5.35
CA PHE A 129 -18.71 7.50 -4.37
C PHE A 129 -17.88 8.05 -3.21
N ALA A 130 -16.78 8.73 -3.54
CA ALA A 130 -15.90 9.31 -2.52
C ALA A 130 -16.64 10.30 -1.63
N ARG A 131 -17.39 11.21 -2.25
CA ARG A 131 -18.16 12.19 -1.49
C ARG A 131 -19.10 11.48 -0.52
N GLY A 132 -19.75 10.42 -1.01
CA GLY A 132 -20.68 9.66 -0.20
C GLY A 132 -20.03 8.99 1.00
N LEU A 133 -18.94 8.27 0.76
CA LEU A 133 -18.21 7.60 1.83
C LEU A 133 -17.79 8.63 2.86
N TYR A 134 -17.29 9.77 2.37
CA TYR A 134 -16.83 10.84 3.26
C TYR A 134 -17.95 11.37 4.15
N LEU A 135 -19.15 11.46 3.58
CA LEU A 135 -20.31 11.96 4.33
C LEU A 135 -20.84 10.93 5.31
N ALA A 136 -20.86 9.67 4.87
CA ALA A 136 -21.37 8.56 5.68
C ALA A 136 -20.44 8.10 6.80
N LYS A 137 -19.12 8.23 6.61
CA LYS A 137 -18.17 7.78 7.61
C LYS A 137 -18.24 8.62 8.89
N GLU A 138 -17.64 8.09 9.96
CA GLU A 138 -17.60 8.79 11.23
C GLU A 138 -16.50 9.85 11.10
N LYS A 139 -16.69 10.99 11.77
CA LYS A 139 -15.71 12.06 11.71
C LYS A 139 -14.29 11.54 11.96
N ASN A 140 -14.12 10.76 13.02
CA ASN A 140 -12.83 10.20 13.41
C ASN A 140 -12.33 9.07 12.51
N MSE A 141 -13.20 8.46 11.73
CA MSE A 141 -12.80 7.38 10.84
C MSE A 141 -11.82 7.87 9.79
O MSE A 141 -12.07 8.86 9.11
CB MSE A 141 -14.02 6.77 10.15
CG MSE A 141 -14.50 5.48 10.78
SE MSE A 141 -15.99 4.81 9.75
CE MSE A 141 -17.15 4.28 11.21
N LEU A 142 -10.72 7.14 9.63
CA LEU A 142 -9.71 7.48 8.65
C LEU A 142 -10.18 7.05 7.27
N MSE A 143 -9.85 7.84 6.24
CA MSE A 143 -10.23 7.51 4.88
C MSE A 143 -9.01 7.76 4.01
O MSE A 143 -8.53 8.89 3.91
CB MSE A 143 -11.41 8.38 4.42
CG MSE A 143 -11.85 8.15 2.97
SE MSE A 143 -13.60 8.94 2.64
CE MSE A 143 -13.45 9.11 0.71
N THR A 144 -8.49 6.69 3.42
CA THR A 144 -7.31 6.80 2.59
C THR A 144 -7.56 6.17 1.22
N CYS A 145 -6.59 6.29 0.33
CA CYS A 145 -6.71 5.73 -1.00
C CYS A 145 -5.35 5.39 -1.57
N ALA A 146 -5.34 4.39 -2.45
CA ALA A 146 -4.13 3.97 -3.13
C ALA A 146 -4.30 4.57 -4.52
N VAL A 147 -3.33 5.36 -4.97
CA VAL A 147 -3.46 6.01 -6.28
C VAL A 147 -2.29 5.90 -7.24
N ASN A 148 -2.57 6.19 -8.51
CA ASN A 148 -1.55 6.17 -9.54
C ASN A 148 -1.11 7.63 -9.68
N SER A 149 -0.01 7.86 -10.37
CA SER A 149 0.51 9.21 -10.55
C SER A 149 0.95 9.47 -11.98
N ARG A 150 0.76 10.71 -12.42
CA ARG A 150 1.16 11.15 -13.76
C ARG A 150 0.40 10.56 -14.96
N TRP A 151 0.21 9.25 -15.01
CA TRP A 151 -0.48 8.66 -16.16
C TRP A 151 -2.02 8.67 -16.12
N LEU A 152 -2.60 8.97 -14.97
CA LEU A 152 -4.06 9.02 -14.84
C LEU A 152 -4.45 10.24 -14.02
N ASN A 153 -5.45 10.97 -14.52
CA ASN A 153 -5.92 12.18 -13.84
C ASN A 153 -6.89 11.86 -12.71
N TYR A 154 -6.76 12.59 -11.61
CA TYR A 154 -7.62 12.44 -10.45
C TYR A 154 -8.30 13.78 -10.18
N GLY A 155 -7.94 14.79 -10.98
CA GLY A 155 -8.53 16.10 -10.80
C GLY A 155 -7.97 16.75 -9.55
N THR A 156 -8.61 17.83 -9.10
CA THR A 156 -8.13 18.52 -7.91
C THR A 156 -9.14 18.58 -6.76
N GLU A 157 -10.21 17.80 -6.86
CA GLU A 157 -11.22 17.77 -5.81
C GLU A 157 -10.93 16.57 -4.92
N TRP A 158 -10.74 15.43 -5.58
CA TRP A 158 -10.46 14.13 -4.98
C TRP A 158 -9.69 14.16 -3.66
N GLU A 159 -8.53 14.79 -3.71
CA GLU A 159 -7.62 14.90 -2.58
C GLU A 159 -8.21 15.26 -1.21
N GLN A 160 -9.05 16.29 -1.17
CA GLN A 160 -9.63 16.76 0.09
C GLN A 160 -10.36 15.75 0.97
N TYR A 161 -10.84 14.65 0.39
CA TYR A 161 -11.58 13.66 1.18
C TYR A 161 -10.70 12.64 1.89
N PHE A 162 -9.40 12.69 1.65
CA PHE A 162 -8.52 11.70 2.26
C PHE A 162 -7.51 12.19 3.28
N ASP A 163 -7.36 11.41 4.35
CA ASP A 163 -6.41 11.73 5.41
C ASP A 163 -5.01 11.47 4.88
N TYR A 164 -4.90 10.43 4.07
CA TYR A 164 -3.64 10.05 3.46
C TYR A 164 -3.88 9.55 2.05
N ILE A 165 -2.99 9.93 1.14
CA ILE A 165 -3.07 9.51 -0.25
C ILE A 165 -1.79 8.70 -0.47
N ASN A 166 -1.96 7.40 -0.67
CA ASN A 166 -0.84 6.47 -0.85
C ASN A 166 -0.47 6.21 -2.32
N LEU A 167 0.65 6.77 -2.75
CA LEU A 167 1.11 6.63 -4.14
C LEU A 167 1.75 5.27 -4.45
N MSE A 168 1.14 4.54 -5.38
CA MSE A 168 1.63 3.24 -5.80
C MSE A 168 2.73 3.45 -6.84
O MSE A 168 2.54 3.18 -8.04
CB MSE A 168 0.48 2.40 -6.37
CG MSE A 168 -0.71 2.34 -5.43
SE MSE A 168 -2.13 1.13 -6.02
CE MSE A 168 -3.11 2.34 -7.16
N SER A 169 3.87 3.95 -6.37
CA SER A 169 5.01 4.25 -7.22
C SER A 169 5.79 2.97 -7.50
N TYR A 170 5.16 2.05 -8.22
CA TYR A 170 5.78 0.78 -8.58
C TYR A 170 5.00 0.10 -9.70
N ASP A 171 5.57 -1.00 -10.21
CA ASP A 171 5.00 -1.76 -11.32
C ASP A 171 5.03 -0.97 -12.62
N ARG A 172 5.80 0.12 -12.66
CA ARG A 172 5.84 0.92 -13.86
C ARG A 172 6.46 0.20 -15.07
N GLY A 173 5.68 0.06 -16.14
CA GLY A 173 6.12 -0.60 -17.35
C GLY A 173 6.73 -1.99 -17.21
N ALA A 174 6.28 -2.76 -16.21
CA ALA A 174 6.83 -4.09 -15.96
C ALA A 174 6.09 -5.31 -16.50
N PHE A 175 5.03 -5.13 -17.27
CA PHE A 175 4.26 -6.27 -17.75
C PHE A 175 4.46 -6.72 -19.20
N THR A 176 5.69 -6.62 -19.69
CA THR A 176 5.97 -7.06 -21.06
C THR A 176 7.29 -7.79 -20.97
N ASP A 177 7.78 -8.29 -22.09
CA ASP A 177 9.09 -8.89 -22.08
C ASP A 177 9.84 -7.57 -22.00
N LYS A 178 11.14 -7.57 -21.77
CA LYS A 178 11.92 -6.34 -21.63
C LYS A 178 12.04 -5.99 -20.16
N PRO A 179 13.21 -6.30 -19.58
CA PRO A 179 13.49 -6.05 -18.17
C PRO A 179 13.48 -4.55 -17.91
N VAL A 180 12.90 -4.14 -16.78
CA VAL A 180 12.85 -2.73 -16.42
C VAL A 180 12.87 -2.62 -14.91
N GLN A 181 13.21 -1.44 -14.43
CA GLN A 181 13.20 -1.15 -12.99
C GLN A 181 11.78 -0.64 -12.83
N HIS A 182 10.95 -1.39 -12.10
CA HIS A 182 9.54 -0.99 -11.93
C HIS A 182 9.33 0.13 -10.92
N ALA A 183 10.33 0.41 -10.09
CA ALA A 183 10.19 1.45 -9.07
C ALA A 183 11.43 2.33 -8.87
N SER A 184 11.80 3.08 -9.89
CA SER A 184 12.99 3.93 -9.78
C SER A 184 12.83 5.11 -8.82
N TYR A 185 13.96 5.62 -8.35
CA TYR A 185 13.98 6.76 -7.45
C TYR A 185 13.36 7.95 -8.15
N ASP A 186 13.84 8.21 -9.37
CA ASP A 186 13.34 9.34 -10.16
C ASP A 186 11.82 9.35 -10.33
N ASP A 187 11.24 8.17 -10.55
CA ASP A 187 9.79 8.08 -10.72
C ASP A 187 9.06 8.35 -9.41
N PHE A 188 9.68 7.94 -8.32
CA PHE A 188 9.15 8.12 -6.96
C PHE A 188 9.02 9.63 -6.68
N VAL A 189 10.10 10.36 -6.98
CA VAL A 189 10.11 11.81 -6.76
C VAL A 189 9.11 12.55 -7.64
N LYS A 190 9.02 12.15 -8.91
CA LYS A 190 8.08 12.80 -9.82
C LYS A 190 6.62 12.49 -9.47
N ASP A 191 6.37 11.30 -8.95
CA ASP A 191 5.01 10.92 -8.56
C ASP A 191 4.58 11.81 -7.39
N LEU A 192 5.47 11.97 -6.41
CA LEU A 192 5.19 12.82 -5.25
C LEU A 192 4.89 14.25 -5.70
N LYS A 193 5.73 14.78 -6.58
CA LYS A 193 5.56 16.15 -7.09
C LYS A 193 4.20 16.29 -7.76
N TYR A 194 3.89 15.33 -8.62
CA TYR A 194 2.64 15.30 -9.36
C TYR A 194 1.42 15.51 -8.46
N TRP A 195 1.37 14.78 -7.35
CA TRP A 195 0.24 14.90 -6.45
C TRP A 195 0.17 16.24 -5.72
N ASN A 196 1.33 16.79 -5.38
CA ASN A 196 1.39 18.05 -4.67
C ASN A 196 1.19 19.26 -5.59
N GLU A 197 1.78 19.20 -6.78
CA GLU A 197 1.70 20.30 -7.73
C GLU A 197 0.56 20.27 -8.75
N GLN A 198 0.05 19.08 -9.05
CA GLN A 198 -1.02 18.98 -10.04
C GLN A 198 -2.37 18.57 -9.48
N CYS A 199 -2.36 17.73 -8.44
CA CYS A 199 -3.61 17.30 -7.83
C CYS A 199 -3.89 18.17 -6.61
N ARG A 200 -2.99 19.11 -6.37
CA ARG A 200 -3.06 20.04 -5.25
C ARG A 200 -3.30 19.42 -3.89
N ALA A 201 -2.60 18.32 -3.62
CA ALA A 201 -2.70 17.65 -2.33
C ALA A 201 -1.54 18.16 -1.48
N SER A 202 -1.83 18.55 -0.25
CA SER A 202 -0.79 19.03 0.65
C SER A 202 0.22 17.90 0.88
N LYS A 203 1.51 18.26 0.93
CA LYS A 203 2.56 17.26 1.16
C LYS A 203 2.28 16.52 2.46
N SER A 204 1.58 17.20 3.37
CA SER A 204 1.23 16.67 4.66
C SER A 204 0.34 15.41 4.63
N LYS A 205 -0.22 15.08 3.46
CA LYS A 205 -1.06 13.89 3.39
C LYS A 205 -0.60 12.94 2.29
N ILE A 206 0.46 13.33 1.58
CA ILE A 206 0.98 12.51 0.49
C ILE A 206 2.01 11.53 1.02
N VAL A 207 1.81 10.25 0.74
CA VAL A 207 2.73 9.24 1.22
C VAL A 207 3.28 8.39 0.08
N GLY A 208 4.61 8.30 0.03
CA GLY A 208 5.27 7.55 -1.03
C GLY A 208 5.23 6.05 -0.85
N GLY A 209 4.73 5.35 -1.86
CA GLY A 209 4.67 3.90 -1.79
C GLY A 209 6.04 3.29 -2.04
N LEU A 210 6.31 2.18 -1.35
CA LEU A 210 7.57 1.46 -1.47
C LEU A 210 7.29 -0.02 -1.75
N PRO A 211 8.02 -0.62 -2.70
CA PRO A 211 7.79 -2.03 -3.00
C PRO A 211 8.78 -2.94 -2.27
N PHE A 212 8.28 -4.01 -1.66
CA PHE A 212 9.15 -4.97 -0.96
C PHE A 212 9.26 -6.19 -1.87
N TYR A 213 9.31 -5.92 -3.17
CA TYR A 213 9.39 -6.97 -4.18
C TYR A 213 9.89 -6.33 -5.47
N GLY A 214 10.06 -7.17 -6.48
CA GLY A 214 10.51 -6.70 -7.78
C GLY A 214 10.10 -7.68 -8.85
N TYR A 215 10.81 -7.63 -9.97
CA TYR A 215 10.52 -8.51 -11.11
C TYR A 215 11.81 -9.10 -11.65
N SER A 216 11.71 -10.31 -12.21
CA SER A 216 12.89 -10.95 -12.79
C SER A 216 12.59 -11.57 -14.15
N TRP A 217 13.37 -11.19 -15.14
CA TRP A 217 13.24 -11.71 -16.49
C TRP A 217 14.31 -12.77 -16.71
N GLU A 218 14.98 -13.17 -15.63
CA GLU A 218 16.02 -14.19 -15.69
C GLU A 218 15.42 -15.57 -15.99
N GLU A 219 16.00 -16.24 -16.97
CA GLU A 219 15.54 -17.56 -17.38
C GLU A 219 15.59 -18.57 -16.25
N SER A 220 16.63 -18.49 -15.43
CA SER A 220 16.79 -19.42 -14.32
C SER A 220 15.75 -19.29 -13.21
N LEU A 221 15.07 -18.15 -13.15
CA LEU A 221 14.05 -17.92 -12.12
C LEU A 221 12.64 -17.89 -12.68
N GLN A 222 12.45 -18.35 -13.91
CA GLN A 222 11.14 -18.31 -14.53
C GLN A 222 10.06 -19.10 -13.81
N GLY A 223 10.45 -20.02 -12.95
CA GLY A 223 9.49 -20.81 -12.20
C GLY A 223 9.36 -20.28 -10.79
N ALA A 224 10.37 -19.53 -10.36
CA ALA A 224 10.37 -18.94 -9.00
C ALA A 224 9.50 -17.69 -8.98
N VAL A 225 9.48 -16.96 -10.09
CA VAL A 225 8.66 -15.75 -10.15
C VAL A 225 7.21 -16.16 -10.32
N ASP A 226 6.30 -15.23 -10.08
CA ASP A 226 4.89 -15.57 -10.21
C ASP A 226 4.33 -15.32 -11.60
N ASP A 227 3.02 -15.16 -11.60
CA ASP A 227 2.14 -14.89 -12.73
C ASP A 227 2.70 -13.81 -13.66
N VAL A 228 3.19 -12.73 -13.08
CA VAL A 228 3.71 -11.60 -13.86
C VAL A 228 5.19 -11.31 -13.66
N ARG A 229 5.97 -12.35 -13.38
CA ARG A 229 7.41 -12.24 -13.16
C ARG A 229 7.75 -11.53 -11.85
N GLY A 230 6.76 -11.39 -10.99
CA GLY A 230 6.98 -10.74 -9.71
C GLY A 230 7.66 -11.68 -8.74
N ILE A 231 8.56 -11.13 -7.92
CA ILE A 231 9.26 -11.94 -6.94
C ILE A 231 9.50 -11.11 -5.68
N ARG A 232 9.24 -11.72 -4.53
CA ARG A 232 9.39 -11.06 -3.24
C ARG A 232 10.84 -10.83 -2.84
N TYR A 233 11.08 -9.77 -2.08
CA TYR A 233 12.42 -9.45 -1.62
C TYR A 233 13.02 -10.67 -0.94
N SER A 234 12.20 -11.41 -0.18
CA SER A 234 12.68 -12.60 0.51
C SER A 234 13.14 -13.62 -0.52
N GLY A 235 12.42 -13.69 -1.64
CA GLY A 235 12.78 -14.62 -2.70
C GLY A 235 14.05 -14.16 -3.39
N ILE A 236 14.20 -12.86 -3.54
CA ILE A 236 15.38 -12.28 -4.17
C ILE A 236 16.64 -12.67 -3.38
N LEU A 237 16.61 -12.48 -2.06
CA LEU A 237 17.76 -12.83 -1.24
C LEU A 237 18.05 -14.33 -1.29
N LYS A 238 16.98 -15.12 -1.27
CA LYS A 238 17.08 -16.57 -1.30
C LYS A 238 17.78 -17.09 -2.55
N HIS A 239 17.42 -16.55 -3.71
CA HIS A 239 18.01 -17.00 -4.97
C HIS A 239 19.24 -16.21 -5.44
N LEU A 240 19.32 -14.92 -5.10
CA LEU A 240 20.45 -14.11 -5.54
C LEU A 240 21.52 -13.88 -4.48
N GLY A 241 21.25 -14.29 -3.25
CA GLY A 241 22.23 -14.10 -2.20
C GLY A 241 22.09 -12.78 -1.48
N ASN A 242 22.69 -12.69 -0.30
CA ASN A 242 22.63 -11.49 0.53
C ASN A 242 23.19 -10.22 -0.13
N GLU A 243 24.06 -10.39 -1.12
CA GLU A 243 24.64 -9.24 -1.82
C GLU A 243 23.55 -8.42 -2.51
N ALA A 244 22.43 -9.07 -2.81
CA ALA A 244 21.32 -8.40 -3.47
C ALA A 244 20.67 -7.32 -2.60
N ALA A 245 20.81 -7.45 -1.28
CA ALA A 245 20.24 -6.51 -0.33
C ALA A 245 20.63 -5.05 -0.56
N ASP A 246 21.81 -4.82 -1.13
CA ASP A 246 22.27 -3.46 -1.33
C ASP A 246 22.39 -3.00 -2.78
N LYS A 247 21.54 -3.55 -3.63
CA LYS A 247 21.50 -3.20 -5.05
C LYS A 247 20.03 -3.18 -5.47
N ASP A 248 19.75 -2.57 -6.62
CA ASP A 248 18.39 -2.52 -7.16
C ASP A 248 18.28 -3.47 -8.35
N ASN A 249 19.42 -4.04 -8.74
CA ASN A 249 19.42 -4.92 -9.88
C ASN A 249 20.64 -5.83 -9.97
N ILE A 250 20.38 -7.07 -10.35
CA ILE A 250 21.41 -8.08 -10.55
C ILE A 250 20.92 -8.80 -11.79
N GLY A 251 21.67 -8.70 -12.88
CA GLY A 251 21.25 -9.36 -14.10
C GLY A 251 19.93 -8.79 -14.57
N LYS A 252 18.95 -9.65 -14.83
CA LYS A 252 17.64 -9.19 -15.30
C LYS A 252 16.60 -9.17 -14.19
N THR A 253 17.06 -9.01 -12.95
CA THR A 253 16.18 -8.95 -11.79
C THR A 253 16.26 -7.51 -11.27
N TYR A 254 15.12 -6.84 -11.25
CA TYR A 254 15.02 -5.43 -10.83
C TYR A 254 14.04 -5.27 -9.67
N TYR A 255 14.50 -4.56 -8.64
CA TYR A 255 13.72 -4.32 -7.43
C TYR A 255 14.30 -3.12 -6.68
N ASN A 256 13.97 -3.01 -5.40
CA ASN A 256 14.49 -1.92 -4.57
C ASN A 256 15.31 -2.48 -3.42
N GLY A 257 16.61 -2.22 -3.44
CA GLY A 257 17.48 -2.68 -2.37
C GLY A 257 17.42 -1.68 -1.22
N ARG A 258 18.18 -1.94 -0.16
CA ARG A 258 18.17 -1.05 1.02
C ARG A 258 18.58 0.40 0.76
N PRO A 259 19.65 0.62 -0.02
CA PRO A 259 20.07 2.00 -0.29
C PRO A 259 18.96 2.85 -0.93
N THR A 260 18.27 2.28 -1.92
CA THR A 260 17.20 3.00 -2.58
C THR A 260 16.01 3.21 -1.67
N ILE A 261 15.64 2.20 -0.88
CA ILE A 261 14.53 2.35 0.04
C ILE A 261 14.90 3.47 1.01
N ALA A 262 16.13 3.44 1.50
CA ALA A 262 16.62 4.47 2.41
C ALA A 262 16.56 5.86 1.76
N ASN A 263 17.02 5.96 0.51
CA ASN A 263 17.01 7.23 -0.20
C ASN A 263 15.61 7.78 -0.44
N LYS A 264 14.65 6.88 -0.69
CA LYS A 264 13.29 7.33 -0.92
C LYS A 264 12.73 7.87 0.40
N CYS A 265 13.06 7.20 1.50
CA CYS A 265 12.61 7.64 2.82
C CYS A 265 13.24 8.99 3.13
N LYS A 266 14.51 9.16 2.77
CA LYS A 266 15.23 10.40 2.98
C LYS A 266 14.55 11.56 2.26
N PHE A 267 14.19 11.33 1.00
CA PHE A 267 13.53 12.36 0.21
C PHE A 267 12.24 12.80 0.89
N ILE A 268 11.48 11.82 1.38
CA ILE A 268 10.22 12.07 2.06
C ILE A 268 10.41 13.00 3.26
N LYS A 269 11.40 12.69 4.10
CA LYS A 269 11.71 13.47 5.28
C LYS A 269 12.25 14.85 4.91
N GLU A 270 13.22 14.88 4.01
CA GLU A 270 13.84 16.13 3.58
C GLU A 270 12.87 17.10 2.93
N ASN A 271 11.79 16.59 2.35
CA ASN A 271 10.83 17.48 1.69
C ASN A 271 9.48 17.61 2.36
N ASP A 272 9.41 17.21 3.61
CA ASP A 272 8.19 17.30 4.43
C ASP A 272 6.92 16.62 3.91
N TYR A 273 7.06 15.42 3.36
CA TYR A 273 5.88 14.69 2.90
C TYR A 273 5.33 13.95 4.11
N ALA A 274 4.14 13.38 4.00
CA ALA A 274 3.51 12.66 5.11
C ALA A 274 4.32 11.49 5.64
N GLY A 275 4.81 10.63 4.75
CA GLY A 275 5.57 9.47 5.17
C GLY A 275 5.61 8.46 4.03
N VAL A 276 5.80 7.19 4.37
CA VAL A 276 5.87 6.15 3.34
C VAL A 276 4.84 5.05 3.54
N MSE A 277 4.56 4.34 2.45
CA MSE A 277 3.62 3.22 2.45
C MSE A 277 4.37 2.02 1.86
O MSE A 277 5.31 2.20 1.08
CB MSE A 277 2.40 3.57 1.61
CG MSE A 277 1.45 2.40 1.33
SE MSE A 277 1.89 1.50 -0.34
CE MSE A 277 1.16 2.80 -1.57
N ILE A 278 3.97 0.82 2.24
CA ILE A 278 4.65 -0.39 1.77
C ILE A 278 3.67 -1.42 1.22
N TRP A 279 3.89 -1.88 -0.01
CA TRP A 279 2.98 -2.91 -0.49
C TRP A 279 3.52 -4.25 -0.04
N GLN A 280 2.76 -4.85 0.87
CA GLN A 280 3.02 -6.16 1.42
C GLN A 280 4.23 -6.40 2.35
N LEU A 281 3.98 -6.21 3.64
CA LEU A 281 4.98 -6.44 4.67
C LEU A 281 5.49 -7.88 4.64
N PHE A 282 4.61 -8.80 4.27
CA PHE A 282 4.96 -10.22 4.23
C PHE A 282 6.01 -10.60 3.18
N GLN A 283 6.28 -9.69 2.24
CA GLN A 283 7.27 -9.96 1.19
C GLN A 283 8.71 -9.70 1.63
N ASP A 284 8.87 -9.09 2.80
CA ASP A 284 10.18 -8.75 3.35
C ASP A 284 10.96 -10.02 3.68
N ALA A 285 12.26 -9.86 3.92
CA ALA A 285 13.12 -11.00 4.25
C ALA A 285 12.62 -11.60 5.56
N HIS A 286 13.02 -12.85 5.82
CA HIS A 286 12.61 -13.52 7.04
C HIS A 286 13.65 -13.30 8.11
N ASN A 287 13.41 -13.81 9.32
CA ASN A 287 14.34 -13.62 10.41
C ASN A 287 15.69 -14.30 10.19
N ASP A 288 15.78 -15.17 9.19
CA ASP A 288 17.05 -15.81 8.90
C ASP A 288 17.95 -14.73 8.28
N ASN A 289 17.33 -13.65 7.81
CA ASN A 289 18.04 -12.53 7.22
C ASN A 289 17.55 -11.22 7.86
N TYR A 290 17.19 -11.30 9.13
CA TYR A 290 16.67 -10.17 9.90
C TYR A 290 17.34 -8.83 9.63
N ASP A 291 18.67 -8.80 9.70
CA ASP A 291 19.41 -7.55 9.50
C ASP A 291 19.29 -6.96 8.10
N LEU A 292 18.82 -7.75 7.14
CA LEU A 292 18.68 -7.26 5.78
C LEU A 292 17.24 -6.88 5.44
N LYS A 293 16.36 -6.93 6.44
CA LYS A 293 14.95 -6.59 6.23
C LYS A 293 14.74 -5.14 5.80
N LEU A 294 13.87 -4.94 4.82
CA LEU A 294 13.56 -3.60 4.32
C LEU A 294 12.77 -2.77 5.34
N ILE A 295 11.95 -3.42 6.15
CA ILE A 295 11.17 -2.68 7.14
C ILE A 295 12.11 -2.05 8.16
N ASN A 296 13.27 -2.67 8.39
CA ASN A 296 14.23 -2.13 9.34
C ASN A 296 14.91 -0.90 8.74
N VAL A 297 15.01 -0.86 7.43
CA VAL A 297 15.60 0.30 6.75
C VAL A 297 14.61 1.45 6.90
N VAL A 298 13.33 1.16 6.67
CA VAL A 298 12.29 2.18 6.80
C VAL A 298 12.23 2.63 8.25
N GLY A 299 12.39 1.68 9.16
CA GLY A 299 12.36 2.00 10.58
C GLY A 299 13.49 2.93 10.97
N ARG A 300 14.71 2.59 10.57
CA ARG A 300 15.87 3.41 10.90
C ARG A 300 15.75 4.82 10.33
N GLU A 301 15.01 4.97 9.25
CA GLU A 301 14.85 6.27 8.62
C GLU A 301 13.64 7.06 9.14
N MSE A 302 12.49 6.41 9.20
CA MSE A 302 11.24 7.06 9.61
C MSE A 302 10.86 6.98 11.09
O MSE A 302 10.17 7.86 11.60
CB MSE A 302 10.07 6.47 8.81
CG MSE A 302 10.25 6.49 7.29
SE MSE A 302 10.56 8.28 6.61
CE MSE A 302 8.79 9.02 6.93
N MSE A 303 11.31 5.93 11.77
CA MSE A 303 10.95 5.75 13.17
C MSE A 303 12.17 5.48 14.03
O MSE A 303 12.17 4.54 14.83
CB MSE A 303 9.97 4.58 13.30
CG MSE A 303 8.65 4.76 12.58
SE MSE A 303 7.46 6.01 13.46
CE MSE A 303 6.88 7.05 11.95
N GLU A 304 13.21 6.30 13.89
CA GLU A 304 14.42 6.13 14.66
C GLU A 304 14.25 6.72 16.05
N GLU A 305 14.25 5.86 17.05
CA GLU A 305 14.10 6.27 18.43
C GLU A 305 15.20 7.23 18.87
N GLY A 306 16.46 6.85 18.64
CA GLY A 306 17.56 7.69 19.04
C GLY A 306 18.03 7.32 20.43
N HIS A 307 18.87 8.16 21.03
CA HIS A 307 19.39 7.92 22.36
C HIS A 307 18.60 8.66 23.42
N HIS A 308 17.99 7.91 24.33
CA HIS A 308 17.18 8.50 25.39
C HIS A 308 17.37 7.76 26.70
N HIS A 309 16.80 8.33 27.77
CA HIS A 309 16.86 7.74 29.09
C HIS A 309 15.57 8.02 29.82
N HIS A 310 15.32 7.27 30.89
CA HIS A 310 14.12 7.46 31.70
C HIS A 310 14.42 8.64 32.62
N HIS A 311 13.39 9.10 33.34
CA HIS A 311 13.52 10.17 34.31
C HIS A 311 14.11 11.46 33.72
N HIS A 312 13.41 11.99 32.72
CA HIS A 312 13.82 13.20 32.00
C HIS A 312 13.74 14.47 32.86
C1 GCS B . 15.59 4.15 27.62
C2 GCS B . 14.20 4.79 27.42
C3 GCS B . 13.35 3.81 26.60
C4 GCS B . 14.03 3.61 25.25
C5 GCS B . 15.45 3.03 25.50
C6 GCS B . 16.17 2.84 24.16
N2 GCS B . 13.59 5.02 28.72
O1 GCS B . 16.39 5.04 28.38
O3 GCS B . 12.05 4.35 26.39
O4 GCS B . 13.26 2.70 24.45
O5 GCS B . 16.23 3.94 26.32
O6 GCS B . 17.48 2.31 24.38
#